data_6H99
#
_entry.id   6H99
#
_cell.length_a   129.760
_cell.length_b   43.183
_cell.length_c   88.740
_cell.angle_alpha   90.00
_cell.angle_beta   108.46
_cell.angle_gamma   90.00
#
_symmetry.space_group_name_H-M   'C 1 2 1'
#
loop_
_entity.id
_entity.type
_entity.pdbx_description
1 polymer Sulfurtransferase
2 non-polymer 'MAGNESIUM ION'
3 non-polymer 'CHLORIDE ION'
4 non-polymer 1,2-ETHANEDIOL
5 non-polymer DI(HYDROXYETHYL)ETHER
6 non-polymer GLYCEROL
7 water water
#
_entity_poly.entity_id   1
_entity_poly.type   'polypeptide(L)'
_entity_poly.pdbx_seq_one_letter_code
;MGHHHHHHAENLYFQGHMEITTDSLLALLGSEKVKIIDVRSADAYNGWRMRGEVRGGHIKGAKSLPAKWLTDPEWLNIVR
FKQIRPEDAIVLYGYTPEECEQTATRFKENGYNNVSVFHRFHPDWTGNDAFPMDRLEQYNRLVPAEWVNGLISGEEIPEY
DNDTFIVCHAHYRNRDAYLSGHIPGATDMDTLALESPETWNRRTPEELKKALEEHGITASTTVVLYGKFMHPDNADEFPG
SAAGHIGAIRLAFIMMYAGVEDVRVLNGGYQSWTDAGFAISKDDVPKTTVPEFGAPIPSRPEFAVDIDEAKEMLQSEDSD
LVCVRSYPEYIGEVSGYNYIAAAGRIPGAIFAECGSDAYHMENYRNHDHTTREYHEIEDIWAKSGIIPKKHLAFY(CSS)
GTGWRGSEAWFNALLMGWPRVSVYDGGWFEWSNDPENPYETGVPK
;
_entity_poly.pdbx_strand_id   A
#
loop_
_chem_comp.id
_chem_comp.type
_chem_comp.name
_chem_comp.formula
CL non-polymer 'CHLORIDE ION' 'Cl -1'
EDO non-polymer 1,2-ETHANEDIOL 'C2 H6 O2'
GOL non-polymer GLYCEROL 'C3 H8 O3'
MG non-polymer 'MAGNESIUM ION' 'Mg 2'
PEG non-polymer DI(HYDROXYETHYL)ETHER 'C4 H10 O3'
#
# COMPACT_ATOMS: atom_id res chain seq x y z
N HIS A 17 -27.54 -4.85 21.85
CA HIS A 17 -26.22 -4.26 22.10
C HIS A 17 -26.36 -2.90 22.77
N MET A 18 -25.52 -2.63 23.76
CA MET A 18 -25.61 -1.35 24.45
C MET A 18 -25.12 -0.23 23.53
N GLU A 19 -25.50 1.01 23.87
CA GLU A 19 -25.21 2.21 23.09
C GLU A 19 -24.32 3.13 23.91
N ILE A 20 -23.48 3.92 23.21
CA ILE A 20 -22.70 4.98 23.84
C ILE A 20 -23.03 6.30 23.16
N THR A 21 -23.15 7.36 23.96
CA THR A 21 -23.51 8.68 23.45
C THR A 21 -22.30 9.43 22.90
N THR A 22 -22.58 10.42 22.04
CA THR A 22 -21.55 11.30 21.54
C THR A 22 -20.75 11.95 22.68
N ASP A 23 -21.43 12.47 23.71
CA ASP A 23 -20.69 13.15 24.76
C ASP A 23 -19.83 12.18 25.55
N SER A 24 -20.32 10.96 25.75
CA SER A 24 -19.54 9.95 26.44
C SER A 24 -18.27 9.62 25.66
N LEU A 25 -18.43 9.34 24.38
CA LEU A 25 -17.27 8.96 23.57
C LEU A 25 -16.25 10.09 23.52
N LEU A 26 -16.72 11.31 23.33
CA LEU A 26 -15.81 12.45 23.32
C LEU A 26 -15.03 12.52 24.62
N ALA A 27 -15.70 12.29 25.75
CA ALA A 27 -15.02 12.42 27.02
C ALA A 27 -14.02 11.31 27.25
N LEU A 28 -14.20 10.16 26.59
CA LEU A 28 -13.28 9.03 26.74
C LEU A 28 -12.16 9.02 25.73
N LEU A 29 -12.14 9.93 24.75
CA LEU A 29 -11.08 9.84 23.74
C LEU A 29 -9.73 9.94 24.41
N GLY A 30 -8.78 9.12 23.95
CA GLY A 30 -7.43 9.17 24.50
C GLY A 30 -7.22 8.36 25.76
N SER A 31 -8.27 7.78 26.32
CA SER A 31 -8.13 6.80 27.39
C SER A 31 -7.70 5.45 26.79
N GLU A 32 -6.57 4.93 27.24
CA GLU A 32 -6.13 3.68 26.64
C GLU A 32 -6.80 2.45 27.26
N LYS A 33 -7.92 2.61 27.98
CA LYS A 33 -8.69 1.42 28.35
C LYS A 33 -9.88 1.18 27.43
N VAL A 34 -10.29 2.18 26.64
CA VAL A 34 -11.39 2.06 25.69
C VAL A 34 -10.81 1.91 24.28
N LYS A 35 -11.31 0.93 23.54
CA LYS A 35 -10.83 0.60 22.20
C LYS A 35 -11.95 0.88 21.21
N ILE A 36 -11.76 1.89 20.38
CA ILE A 36 -12.74 2.30 19.38
C ILE A 36 -12.45 1.54 18.08
N ILE A 37 -13.46 0.91 17.51
CA ILE A 37 -13.29 0.04 16.34
C ILE A 37 -14.21 0.51 15.22
N ASP A 38 -13.60 0.86 14.08
CA ASP A 38 -14.30 1.31 12.88
C ASP A 38 -14.54 0.11 11.96
N VAL A 39 -15.81 -0.27 11.78
CA VAL A 39 -16.10 -1.48 10.99
C VAL A 39 -16.39 -1.15 9.52
N ARG A 40 -16.13 0.08 9.09
CA ARG A 40 -16.26 0.44 7.67
C ARG A 40 -15.09 -0.11 6.89
N SER A 41 -15.09 0.12 5.58
CA SER A 41 -13.97 -0.36 4.78
C SER A 41 -12.70 0.35 5.21
N ALA A 42 -11.55 -0.30 4.91
CA ALA A 42 -10.30 0.39 5.20
C ALA A 42 -10.19 1.68 4.42
N ASP A 43 -10.81 1.74 3.25
CA ASP A 43 -10.72 2.97 2.46
C ASP A 43 -11.47 4.11 3.13
N ALA A 44 -12.67 3.85 3.66
CA ALA A 44 -13.40 4.87 4.43
C ALA A 44 -12.57 5.30 5.65
N TYR A 45 -12.03 4.30 6.37
CA TYR A 45 -11.13 4.57 7.49
C TYR A 45 -10.01 5.52 7.10
N ASN A 46 -9.43 5.31 5.90
CA ASN A 46 -8.28 6.09 5.48
C ASN A 46 -8.63 7.51 5.12
N GLY A 47 -9.91 7.80 4.86
CA GLY A 47 -10.31 9.14 4.52
C GLY A 47 -11.37 9.24 3.45
N TRP A 48 -11.63 8.15 2.72
CA TRP A 48 -12.56 8.22 1.60
C TRP A 48 -13.98 8.51 2.08
N ARG A 49 -14.62 9.48 1.45
CA ARG A 49 -15.97 9.85 1.85
C ARG A 49 -16.98 9.01 1.06
N MET A 50 -17.04 7.74 1.46
CA MET A 50 -17.74 6.72 0.70
C MET A 50 -19.24 6.97 0.62
N ARG A 51 -19.81 7.73 1.56
CA ARG A 51 -21.24 8.01 1.53
C ARG A 51 -21.54 9.50 1.45
N GLY A 52 -20.60 10.27 0.89
CA GLY A 52 -20.80 11.69 0.68
C GLY A 52 -20.71 12.55 1.93
N GLU A 53 -20.22 12.00 3.03
CA GLU A 53 -20.05 12.76 4.25
C GLU A 53 -19.16 13.97 4.01
N VAL A 54 -19.34 15.02 4.82
CA VAL A 54 -18.60 16.25 4.57
C VAL A 54 -17.14 16.10 4.97
N ARG A 55 -16.81 15.21 5.90
CA ARG A 55 -15.45 15.01 6.38
C ARG A 55 -15.25 13.51 6.50
N GLY A 56 -14.18 12.98 5.92
CA GLY A 56 -13.93 11.55 5.90
C GLY A 56 -12.81 11.18 6.85
N GLY A 57 -12.62 9.88 7.03
CA GLY A 57 -11.64 9.40 7.98
C GLY A 57 -12.32 8.74 9.17
N HIS A 58 -11.56 8.58 10.25
CA HIS A 58 -12.02 7.82 11.40
C HIS A 58 -12.00 8.67 12.67
N ILE A 59 -12.78 8.24 13.65
CA ILE A 59 -12.68 8.86 14.97
C ILE A 59 -11.26 8.70 15.49
N LYS A 60 -10.72 9.79 16.04
CA LYS A 60 -9.34 9.81 16.50
C LYS A 60 -9.09 8.68 17.48
N GLY A 61 -8.07 7.88 17.20
CA GLY A 61 -7.73 6.76 18.04
C GLY A 61 -8.34 5.44 17.62
N ALA A 62 -9.31 5.44 16.72
CA ALA A 62 -9.98 4.22 16.32
C ALA A 62 -9.03 3.28 15.58
N LYS A 63 -9.34 2.00 15.69
CA LYS A 63 -8.64 0.95 14.93
C LYS A 63 -9.56 0.52 13.79
N SER A 64 -8.96 0.00 12.72
CA SER A 64 -9.72 -0.47 11.57
C SER A 64 -9.99 -1.97 11.66
N LEU A 65 -11.26 -2.36 11.57
CA LEU A 65 -11.64 -3.78 11.50
C LEU A 65 -12.83 -3.94 10.57
N PRO A 66 -12.61 -3.90 9.26
CA PRO A 66 -13.72 -3.91 8.32
C PRO A 66 -14.66 -5.09 8.52
N ALA A 67 -15.97 -4.82 8.54
CA ALA A 67 -16.95 -5.88 8.69
C ALA A 67 -16.87 -6.89 7.56
N LYS A 68 -16.31 -6.51 6.42
CA LYS A 68 -16.03 -7.45 5.35
C LYS A 68 -15.30 -8.71 5.87
N TRP A 69 -14.43 -8.54 6.86
CA TRP A 69 -13.61 -9.61 7.38
C TRP A 69 -14.39 -10.63 8.21
N LEU A 70 -15.64 -10.36 8.56
CA LEU A 70 -16.42 -11.32 9.34
C LEU A 70 -16.61 -12.65 8.59
N THR A 71 -16.57 -12.64 7.25
CA THR A 71 -16.73 -13.88 6.50
C THR A 71 -15.41 -14.59 6.24
N ASP A 72 -14.31 -14.06 6.76
CA ASP A 72 -13.04 -14.75 6.65
C ASP A 72 -12.76 -15.53 7.93
N PRO A 73 -12.30 -16.77 7.85
CA PRO A 73 -11.95 -17.51 9.08
C PRO A 73 -10.87 -16.81 9.88
N GLU A 74 -10.10 -15.90 9.26
CA GLU A 74 -9.04 -15.15 9.93
C GLU A 74 -9.55 -14.15 10.99
N TRP A 75 -10.86 -13.87 11.04
CA TRP A 75 -11.37 -12.72 11.80
C TRP A 75 -10.89 -12.70 13.25
N LEU A 76 -11.07 -13.80 13.98
CA LEU A 76 -10.78 -13.75 15.42
C LEU A 76 -9.29 -13.62 15.68
N ASN A 77 -8.45 -14.28 14.88
CA ASN A 77 -7.00 -14.13 15.02
C ASN A 77 -6.55 -12.70 14.69
N ILE A 78 -7.23 -12.02 13.76
CA ILE A 78 -6.92 -10.63 13.47
C ILE A 78 -7.20 -9.75 14.68
N VAL A 79 -8.37 -9.95 15.28
CA VAL A 79 -8.76 -9.18 16.48
C VAL A 79 -7.71 -9.35 17.58
N ARG A 80 -7.32 -10.60 17.85
CA ARG A 80 -6.30 -10.86 18.85
C ARG A 80 -4.96 -10.24 18.46
N PHE A 81 -4.59 -10.32 17.17
CA PHE A 81 -3.32 -9.75 16.75
C PHE A 81 -3.31 -8.24 16.96
N LYS A 82 -4.44 -7.60 16.76
CA LYS A 82 -4.56 -6.18 17.04
C LYS A 82 -4.70 -5.88 18.54
N GLN A 83 -4.53 -6.87 19.41
CA GLN A 83 -4.46 -6.67 20.86
C GLN A 83 -5.81 -6.28 21.45
N ILE A 84 -6.90 -6.67 20.79
CA ILE A 84 -8.25 -6.43 21.31
C ILE A 84 -8.66 -7.64 22.13
N ARG A 85 -8.80 -7.45 23.45
CA ARG A 85 -8.93 -8.55 24.38
C ARG A 85 -10.27 -8.47 25.13
N PRO A 86 -10.80 -9.60 25.59
CA PRO A 86 -12.16 -9.60 26.19
C PRO A 86 -12.33 -8.63 27.35
N GLU A 87 -11.26 -8.25 28.03
CA GLU A 87 -11.36 -7.32 29.14
C GLU A 87 -11.47 -5.87 28.70
N ASP A 88 -11.25 -5.58 27.41
CA ASP A 88 -11.29 -4.21 26.94
C ASP A 88 -12.72 -3.71 26.79
N ALA A 89 -12.89 -2.40 27.00
CA ALA A 89 -14.15 -1.72 26.73
C ALA A 89 -14.17 -1.34 25.26
N ILE A 90 -15.00 -2.02 24.49
CA ILE A 90 -15.02 -1.90 23.03
C ILE A 90 -16.14 -0.97 22.62
N VAL A 91 -15.84 -0.02 21.74
CA VAL A 91 -16.85 0.82 21.11
C VAL A 91 -16.75 0.56 19.61
N LEU A 92 -17.84 0.10 19.01
CA LEU A 92 -17.93 -0.10 17.57
C LEU A 92 -18.63 1.08 16.91
N TYR A 93 -18.19 1.45 15.71
CA TYR A 93 -19.07 2.33 14.94
C TYR A 93 -18.89 2.01 13.47
N GLY A 94 -19.90 2.43 12.71
CA GLY A 94 -19.87 2.33 11.26
C GLY A 94 -20.58 3.52 10.65
N TYR A 95 -21.01 3.41 9.39
CA TYR A 95 -21.84 4.47 8.85
C TYR A 95 -23.21 4.51 9.52
N THR A 96 -23.71 3.34 9.92
CA THR A 96 -24.94 3.18 10.67
C THR A 96 -24.71 2.18 11.79
N PRO A 97 -25.47 2.29 12.89
CA PRO A 97 -25.40 1.24 13.92
C PRO A 97 -25.82 -0.15 13.43
N GLU A 98 -26.76 -0.23 12.49
CA GLU A 98 -27.14 -1.54 11.96
C GLU A 98 -25.96 -2.25 11.33
N GLU A 99 -25.05 -1.50 10.71
CA GLU A 99 -23.89 -2.15 10.10
C GLU A 99 -22.86 -2.63 11.12
N CYS A 100 -23.06 -2.37 12.42
CA CYS A 100 -22.20 -2.90 13.46
C CYS A 100 -22.75 -4.15 14.11
N GLU A 101 -24.00 -4.53 13.80
N GLU A 101 -24.01 -4.51 13.82
CA GLU A 101 -24.69 -5.55 14.57
CA GLU A 101 -24.69 -5.57 14.59
C GLU A 101 -23.98 -6.90 14.51
C GLU A 101 -23.94 -6.88 14.52
N GLN A 102 -23.61 -7.34 13.30
CA GLN A 102 -22.92 -8.62 13.16
C GLN A 102 -21.59 -8.62 13.89
N THR A 103 -20.86 -7.51 13.84
CA THR A 103 -19.58 -7.45 14.54
C THR A 103 -19.78 -7.52 16.06
N ALA A 104 -20.74 -6.76 16.58
CA ALA A 104 -21.02 -6.83 18.01
C ALA A 104 -21.34 -8.26 18.43
N THR A 105 -22.18 -8.95 17.65
CA THR A 105 -22.55 -10.32 17.96
C THR A 105 -21.35 -11.26 17.91
N ARG A 106 -20.48 -11.10 16.90
CA ARG A 106 -19.33 -11.98 16.84
C ARG A 106 -18.41 -11.75 18.03
N PHE A 107 -18.30 -10.50 18.50
CA PHE A 107 -17.50 -10.21 19.69
C PHE A 107 -18.09 -10.92 20.90
N LYS A 108 -19.42 -10.86 21.05
CA LYS A 108 -20.08 -11.47 22.20
C LYS A 108 -20.01 -13.00 22.14
N GLU A 109 -20.03 -13.59 20.94
CA GLU A 109 -19.89 -15.04 20.84
C GLU A 109 -18.53 -15.50 21.34
N ASN A 110 -17.53 -14.62 21.30
CA ASN A 110 -16.16 -14.98 21.64
C ASN A 110 -15.74 -14.41 22.97
N GLY A 111 -16.70 -14.06 23.82
CA GLY A 111 -16.39 -13.73 25.20
C GLY A 111 -16.06 -12.28 25.46
N TYR A 112 -16.33 -11.38 24.51
CA TYR A 112 -16.15 -9.95 24.73
C TYR A 112 -17.46 -9.39 25.24
N ASN A 113 -17.52 -9.10 26.53
CA ASN A 113 -18.77 -8.73 27.17
C ASN A 113 -18.94 -7.22 27.35
N ASN A 114 -17.90 -6.45 27.07
CA ASN A 114 -17.96 -4.99 27.21
C ASN A 114 -17.86 -4.41 25.79
N VAL A 115 -18.98 -4.45 25.07
CA VAL A 115 -19.11 -3.97 23.70
C VAL A 115 -20.26 -2.98 23.63
N SER A 116 -19.96 -1.74 23.22
CA SER A 116 -20.98 -0.72 22.99
C SER A 116 -20.95 -0.33 21.51
N VAL A 117 -22.09 0.16 21.01
CA VAL A 117 -22.18 0.65 19.64
C VAL A 117 -22.45 2.16 19.69
N PHE A 118 -21.64 2.92 18.97
CA PHE A 118 -21.85 4.35 18.82
C PHE A 118 -22.70 4.58 17.58
N HIS A 119 -23.86 5.21 17.76
CA HIS A 119 -24.82 5.30 16.66
C HIS A 119 -24.66 6.54 15.80
N ARG A 120 -23.92 7.54 16.26
CA ARG A 120 -24.01 8.89 15.72
C ARG A 120 -22.71 9.34 15.05
N PHE A 121 -21.97 8.40 14.48
CA PHE A 121 -20.77 8.80 13.74
C PHE A 121 -21.13 9.56 12.47
N HIS A 122 -22.05 9.05 11.69
CA HIS A 122 -22.49 9.72 10.46
C HIS A 122 -23.96 10.04 10.57
N PRO A 123 -24.37 11.30 10.41
CA PRO A 123 -23.56 12.47 10.11
C PRO A 123 -23.14 13.32 11.31
N ASP A 124 -23.45 12.90 12.54
CA ASP A 124 -23.23 13.78 13.69
C ASP A 124 -21.77 14.04 13.95
N TRP A 125 -20.94 12.99 13.94
CA TRP A 125 -19.51 13.19 14.19
C TRP A 125 -18.83 13.74 12.94
N THR A 126 -19.13 13.16 11.78
CA THR A 126 -18.44 13.55 10.56
C THR A 126 -18.73 15.01 10.24
N GLY A 127 -19.98 15.43 10.47
CA GLY A 127 -20.48 16.76 10.16
C GLY A 127 -20.08 17.86 11.10
N ASN A 128 -19.39 17.56 12.20
CA ASN A 128 -19.07 18.53 13.23
C ASN A 128 -17.56 18.64 13.43
N ASP A 129 -17.02 19.74 12.90
CA ASP A 129 -15.60 20.10 12.99
C ASP A 129 -15.02 19.96 14.38
N ALA A 130 -15.84 20.13 15.41
CA ALA A 130 -15.33 20.08 16.77
C ALA A 130 -14.96 18.69 17.22
N PHE A 131 -15.39 17.67 16.51
CA PHE A 131 -15.13 16.32 16.98
C PHE A 131 -13.94 15.76 16.22
N PRO A 132 -12.93 15.24 16.91
CA PRO A 132 -11.66 14.91 16.24
C PRO A 132 -11.76 13.69 15.33
N MET A 133 -11.13 13.82 14.17
CA MET A 133 -11.03 12.77 13.17
C MET A 133 -9.62 12.76 12.63
N ASP A 134 -9.14 11.57 12.27
CA ASP A 134 -7.85 11.41 11.62
C ASP A 134 -8.07 10.77 10.26
N ARG A 135 -7.08 10.98 9.36
CA ARG A 135 -7.12 10.28 8.08
C ARG A 135 -5.69 10.09 7.58
N LEU A 136 -5.53 9.13 6.67
CA LEU A 136 -4.30 9.01 5.91
C LEU A 136 -4.12 10.25 5.02
N GLU A 137 -3.02 10.97 5.21
CA GLU A 137 -2.95 12.32 4.65
C GLU A 137 -3.20 12.32 3.15
N GLN A 138 -2.55 11.40 2.45
CA GLN A 138 -2.65 11.29 1.00
C GLN A 138 -3.51 10.10 0.57
N TYR A 139 -4.62 9.89 1.28
CA TYR A 139 -5.48 8.73 1.05
C TYR A 139 -5.99 8.66 -0.39
N ASN A 140 -6.09 9.80 -1.08
CA ASN A 140 -6.75 9.72 -2.37
C ASN A 140 -5.87 9.08 -3.43
N ARG A 141 -4.63 8.72 -3.09
CA ARG A 141 -3.80 7.96 -4.03
C ARG A 141 -4.10 6.49 -3.95
N LEU A 142 -4.75 6.06 -2.89
CA LEU A 142 -4.99 4.65 -2.61
C LEU A 142 -6.50 4.41 -2.73
N VAL A 143 -6.95 3.93 -3.90
CA VAL A 143 -8.37 4.07 -4.24
C VAL A 143 -9.14 2.78 -3.93
N PRO A 144 -10.40 2.91 -3.56
CA PRO A 144 -11.25 1.72 -3.45
C PRO A 144 -11.83 1.27 -4.80
N ALA A 145 -12.25 0.00 -4.83
CA ALA A 145 -12.82 -0.55 -6.06
C ALA A 145 -14.05 0.24 -6.54
N GLU A 146 -14.88 0.71 -5.60
CA GLU A 146 -16.05 1.50 -6.00
C GLU A 146 -15.63 2.73 -6.81
N TRP A 147 -14.52 3.36 -6.42
CA TRP A 147 -14.06 4.53 -7.16
C TRP A 147 -13.60 4.15 -8.55
N VAL A 148 -12.85 3.05 -8.67
CA VAL A 148 -12.45 2.59 -10.00
C VAL A 148 -13.67 2.25 -10.85
N ASN A 149 -14.68 1.62 -10.25
CA ASN A 149 -15.89 1.31 -11.01
C ASN A 149 -16.58 2.59 -11.47
N GLY A 150 -16.66 3.58 -10.57
CA GLY A 150 -17.22 4.86 -10.96
C GLY A 150 -16.45 5.52 -12.09
N LEU A 151 -15.12 5.48 -12.00
CA LEU A 151 -14.28 6.05 -13.07
C LEU A 151 -14.56 5.40 -14.43
N ILE A 152 -14.52 4.07 -14.48
CA ILE A 152 -14.72 3.37 -15.75
C ILE A 152 -16.13 3.62 -16.27
N SER A 153 -17.09 3.76 -15.38
CA SER A 153 -18.49 3.95 -15.72
C SER A 153 -18.84 5.38 -16.08
N GLY A 154 -17.88 6.31 -15.97
CA GLY A 154 -18.17 7.71 -16.24
C GLY A 154 -19.11 8.36 -15.25
N GLU A 155 -19.14 7.87 -14.01
CA GLU A 155 -19.99 8.43 -12.97
C GLU A 155 -19.23 9.49 -12.16
N GLU A 156 -19.99 10.32 -11.45
CA GLU A 156 -19.36 11.33 -10.62
C GLU A 156 -18.69 10.65 -9.43
N ILE A 157 -17.40 10.89 -9.26
CA ILE A 157 -16.66 10.31 -8.15
C ILE A 157 -15.89 11.41 -7.41
N PRO A 158 -15.69 11.25 -6.11
CA PRO A 158 -14.89 12.22 -5.37
C PRO A 158 -13.42 12.04 -5.72
N GLU A 159 -12.63 13.07 -5.41
CA GLU A 159 -11.17 13.02 -5.55
C GLU A 159 -10.78 12.69 -7.00
N TYR A 160 -11.40 13.38 -7.95
CA TYR A 160 -11.10 13.14 -9.35
C TYR A 160 -11.52 14.38 -10.13
N ASP A 161 -10.56 15.03 -10.78
CA ASP A 161 -10.85 16.22 -11.58
C ASP A 161 -10.09 16.13 -12.88
N ASN A 162 -10.22 15.00 -13.56
CA ASN A 162 -9.56 14.82 -14.83
C ASN A 162 -10.58 14.33 -15.85
N ASP A 163 -10.14 14.27 -17.11
CA ASP A 163 -11.01 13.72 -18.14
C ASP A 163 -10.34 12.64 -18.95
N THR A 164 -9.19 12.10 -18.48
CA THR A 164 -8.38 11.15 -19.22
C THR A 164 -7.85 10.17 -18.19
N PHE A 165 -8.07 8.87 -18.40
CA PHE A 165 -7.59 7.87 -17.44
C PHE A 165 -7.25 6.59 -18.17
N ILE A 166 -6.49 5.75 -17.47
CA ILE A 166 -6.18 4.41 -17.95
C ILE A 166 -6.06 3.54 -16.71
N VAL A 167 -6.65 2.34 -16.77
CA VAL A 167 -6.50 1.33 -15.73
C VAL A 167 -5.51 0.29 -16.23
N CYS A 168 -4.45 0.07 -15.45
CA CYS A 168 -3.33 -0.77 -15.90
CA CYS A 168 -3.31 -0.72 -15.86
C CYS A 168 -3.11 -1.91 -14.93
N HIS A 169 -3.12 -3.13 -15.47
CA HIS A 169 -2.92 -4.39 -14.75
C HIS A 169 -1.44 -4.78 -14.84
N ALA A 170 -0.73 -4.63 -13.73
CA ALA A 170 0.70 -4.89 -13.68
C ALA A 170 0.97 -6.39 -13.49
N HIS A 171 2.04 -6.84 -14.12
CA HIS A 171 2.54 -8.20 -13.91
C HIS A 171 3.99 -8.21 -14.33
N TYR A 172 4.73 -9.21 -13.85
CA TYR A 172 6.10 -9.44 -14.29
C TYR A 172 6.10 -10.64 -15.23
N ARG A 173 6.37 -10.38 -16.52
CA ARG A 173 6.47 -11.38 -17.60
C ARG A 173 5.42 -12.49 -17.47
N ASN A 174 4.16 -12.06 -17.27
CA ASN A 174 3.10 -13.05 -17.03
C ASN A 174 1.76 -12.51 -17.55
N ARG A 175 1.62 -12.41 -18.88
CA ARG A 175 0.37 -11.89 -19.41
C ARG A 175 -0.82 -12.72 -18.99
N ASP A 176 -0.60 -14.01 -18.66
CA ASP A 176 -1.71 -14.82 -18.19
C ASP A 176 -2.26 -14.34 -16.87
N ALA A 177 -1.49 -13.59 -16.08
CA ALA A 177 -2.09 -12.98 -14.91
C ALA A 177 -3.23 -12.04 -15.27
N TYR A 178 -3.12 -11.36 -16.41
CA TYR A 178 -4.10 -10.43 -16.92
C TYR A 178 -5.18 -11.15 -17.73
N LEU A 179 -4.75 -12.06 -18.61
CA LEU A 179 -5.68 -12.74 -19.50
C LEU A 179 -6.59 -13.69 -18.74
N SER A 180 -6.18 -14.13 -17.55
CA SER A 180 -7.03 -15.01 -16.77
C SER A 180 -8.16 -14.26 -16.07
N GLY A 181 -8.16 -12.92 -16.10
CA GLY A 181 -9.21 -12.15 -15.46
C GLY A 181 -8.68 -10.78 -15.06
N HIS A 182 -9.35 -9.71 -15.51
CA HIS A 182 -8.88 -8.37 -15.22
C HIS A 182 -10.06 -7.41 -15.13
N ILE A 183 -9.77 -6.21 -14.62
CA ILE A 183 -10.82 -5.18 -14.53
C ILE A 183 -11.27 -4.83 -15.94
N PRO A 184 -12.58 -4.69 -16.22
CA PRO A 184 -13.00 -4.40 -17.60
C PRO A 184 -12.30 -3.16 -18.16
N GLY A 185 -11.83 -3.29 -19.39
CA GLY A 185 -11.18 -2.22 -20.13
C GLY A 185 -9.74 -2.00 -19.76
N ALA A 186 -9.26 -2.62 -18.69
CA ALA A 186 -7.87 -2.43 -18.32
C ALA A 186 -6.96 -3.04 -19.39
N THR A 187 -5.79 -2.42 -19.55
CA THR A 187 -4.69 -2.94 -20.35
C THR A 187 -3.59 -3.43 -19.41
N ASP A 188 -2.75 -4.35 -19.89
CA ASP A 188 -1.69 -4.87 -19.04
C ASP A 188 -0.38 -4.12 -19.30
N MET A 189 0.42 -3.98 -18.23
CA MET A 189 1.79 -3.49 -18.34
C MET A 189 2.72 -4.48 -17.66
N ASP A 190 3.60 -5.09 -18.44
CA ASP A 190 4.72 -5.84 -17.88
C ASP A 190 5.62 -4.89 -17.12
N THR A 191 6.01 -5.28 -15.92
CA THR A 191 7.00 -4.47 -15.19
C THR A 191 8.26 -4.27 -16.02
N LEU A 192 8.60 -5.22 -16.92
CA LEU A 192 9.72 -5.07 -17.84
C LEU A 192 9.55 -3.87 -18.77
N ALA A 193 8.35 -3.30 -18.87
CA ALA A 193 8.20 -2.09 -19.68
C ALA A 193 8.94 -0.92 -19.06
N LEU A 194 8.92 -0.80 -17.73
CA LEU A 194 9.50 0.37 -17.08
C LEU A 194 10.78 0.10 -16.29
N GLU A 195 11.14 -1.16 -16.05
CA GLU A 195 12.41 -1.47 -15.40
C GLU A 195 13.18 -2.49 -16.22
N SER A 196 14.47 -2.43 -16.12
CA SER A 196 15.41 -3.24 -16.87
C SER A 196 15.67 -4.56 -16.15
N PRO A 197 15.66 -5.70 -16.82
CA PRO A 197 16.06 -6.96 -16.16
C PRO A 197 17.57 -7.18 -16.15
N GLU A 198 18.32 -6.15 -16.53
CA GLU A 198 19.76 -6.13 -16.43
C GLU A 198 20.22 -5.34 -15.21
N THR A 199 19.82 -4.07 -15.14
CA THR A 199 20.15 -3.27 -13.96
C THR A 199 19.20 -3.52 -12.80
N TRP A 200 18.01 -4.05 -13.07
CA TRP A 200 16.88 -4.11 -12.13
C TRP A 200 16.50 -2.74 -11.59
N ASN A 201 16.90 -1.68 -12.29
CA ASN A 201 16.49 -0.33 -11.95
C ASN A 201 15.50 0.18 -12.99
N ARG A 202 14.84 1.28 -12.64
CA ARG A 202 14.00 1.98 -13.61
C ARG A 202 14.80 2.24 -14.89
N ARG A 203 14.11 2.23 -16.02
CA ARG A 203 14.77 2.42 -17.30
C ARG A 203 15.16 3.89 -17.50
N THR A 204 15.96 4.14 -18.54
CA THR A 204 16.42 5.49 -18.83
C THR A 204 15.25 6.38 -19.21
N PRO A 205 15.41 7.70 -19.10
CA PRO A 205 14.32 8.61 -19.50
C PRO A 205 13.85 8.38 -20.92
N GLU A 206 14.75 8.09 -21.86
CA GLU A 206 14.34 7.84 -23.24
C GLU A 206 13.46 6.59 -23.35
N GLU A 207 13.87 5.51 -22.69
CA GLU A 207 13.07 4.29 -22.68
C GLU A 207 11.73 4.49 -21.97
N LEU A 208 11.73 5.20 -20.83
CA LEU A 208 10.50 5.44 -20.10
C LEU A 208 9.50 6.22 -20.95
N LYS A 209 9.97 7.27 -21.64
CA LYS A 209 9.09 8.07 -22.47
C LYS A 209 8.38 7.22 -23.50
N LYS A 210 9.16 6.40 -24.24
CA LYS A 210 8.55 5.58 -25.28
C LYS A 210 7.64 4.50 -24.71
N ALA A 211 8.05 3.84 -23.60
CA ALA A 211 7.20 2.82 -22.99
C ALA A 211 5.87 3.40 -22.51
N LEU A 212 5.91 4.58 -21.88
CA LEU A 212 4.67 5.16 -21.41
C LEU A 212 3.77 5.54 -22.58
N GLU A 213 4.33 6.17 -23.62
CA GLU A 213 3.55 6.50 -24.81
C GLU A 213 2.91 5.27 -25.43
N GLU A 214 3.67 4.18 -25.51
CA GLU A 214 3.17 2.95 -26.13
C GLU A 214 2.17 2.21 -25.29
N HIS A 215 2.01 2.57 -24.01
CA HIS A 215 0.91 2.07 -23.21
C HIS A 215 -0.20 3.09 -23.08
N GLY A 216 -0.13 4.19 -23.84
CA GLY A 216 -1.23 5.14 -23.84
C GLY A 216 -1.25 6.10 -22.69
N ILE A 217 -0.10 6.40 -22.09
CA ILE A 217 -0.02 7.16 -20.86
C ILE A 217 0.68 8.48 -21.15
N THR A 218 0.01 9.59 -20.84
CA THR A 218 0.65 10.90 -20.77
C THR A 218 0.82 11.31 -19.31
N ALA A 219 1.64 12.36 -19.11
CA ALA A 219 1.84 12.93 -17.78
C ALA A 219 0.55 13.39 -17.15
N SER A 220 -0.43 13.81 -17.95
CA SER A 220 -1.70 14.29 -17.44
C SER A 220 -2.81 13.23 -17.50
N THR A 221 -2.45 11.96 -17.68
CA THR A 221 -3.41 10.86 -17.62
C THR A 221 -3.49 10.36 -16.18
N THR A 222 -4.70 10.22 -15.64
CA THR A 222 -4.86 9.55 -14.35
C THR A 222 -4.63 8.06 -14.57
N VAL A 223 -3.59 7.50 -13.94
CA VAL A 223 -3.23 6.09 -14.14
C VAL A 223 -3.61 5.34 -12.88
N VAL A 224 -4.43 4.32 -13.04
CA VAL A 224 -4.84 3.47 -11.92
C VAL A 224 -4.12 2.14 -12.07
N LEU A 225 -3.26 1.81 -11.11
CA LEU A 225 -2.47 0.58 -11.18
C LEU A 225 -3.01 -0.44 -10.20
N TYR A 226 -2.98 -1.70 -10.61
CA TYR A 226 -3.31 -2.80 -9.70
C TYR A 226 -2.66 -4.06 -10.24
N GLY A 227 -2.49 -5.06 -9.37
CA GLY A 227 -1.98 -6.35 -9.83
C GLY A 227 -2.73 -7.48 -9.14
N LYS A 228 -2.41 -8.70 -9.55
CA LYS A 228 -3.09 -9.90 -9.07
C LYS A 228 -2.10 -10.72 -8.26
N PHE A 229 -2.46 -11.00 -7.01
CA PHE A 229 -1.67 -11.88 -6.17
C PHE A 229 -1.98 -13.33 -6.52
N MET A 230 -0.94 -14.12 -6.82
CA MET A 230 -1.12 -15.48 -7.30
C MET A 230 -0.21 -16.45 -6.54
N HIS A 231 0.09 -16.12 -5.30
CA HIS A 231 0.83 -17.00 -4.37
C HIS A 231 2.24 -17.34 -4.85
N PRO A 232 3.14 -16.36 -4.82
CA PRO A 232 4.53 -16.62 -5.22
C PRO A 232 5.10 -17.79 -4.43
N ASP A 233 5.83 -18.65 -5.15
CA ASP A 233 6.46 -19.85 -4.62
C ASP A 233 7.94 -19.78 -4.99
N ASN A 234 8.81 -19.78 -3.97
CA ASN A 234 10.25 -19.66 -4.22
C ASN A 234 10.80 -20.86 -4.98
N ALA A 235 10.03 -21.93 -5.09
CA ALA A 235 10.47 -23.05 -5.92
C ALA A 235 10.44 -22.70 -7.40
N ASP A 236 9.71 -21.65 -7.78
CA ASP A 236 9.44 -21.40 -9.19
C ASP A 236 10.51 -20.51 -9.82
N GLU A 237 10.59 -20.60 -11.15
CA GLU A 237 11.57 -19.83 -11.90
C GLU A 237 11.35 -18.34 -11.75
N PHE A 238 10.09 -17.89 -11.74
CA PHE A 238 9.77 -16.46 -11.70
C PHE A 238 8.70 -16.22 -10.63
N PRO A 239 9.05 -16.30 -9.35
CA PRO A 239 8.02 -16.03 -8.30
C PRO A 239 7.39 -14.65 -8.41
N GLY A 240 8.15 -13.66 -8.89
CA GLY A 240 7.59 -12.31 -9.00
C GLY A 240 6.47 -12.23 -10.00
N SER A 241 6.36 -13.22 -10.90
CA SER A 241 5.20 -13.25 -11.79
C SER A 241 3.90 -13.42 -11.04
N ALA A 242 3.97 -13.83 -9.77
CA ALA A 242 2.77 -14.04 -8.97
C ALA A 242 2.57 -12.94 -7.95
N ALA A 243 3.50 -11.99 -7.87
CA ALA A 243 3.37 -10.90 -6.90
C ALA A 243 2.93 -9.63 -7.62
N GLY A 244 1.77 -9.72 -8.27
CA GLY A 244 1.35 -8.67 -9.19
C GLY A 244 1.08 -7.34 -8.51
N HIS A 245 0.57 -7.35 -7.29
CA HIS A 245 0.28 -6.05 -6.67
C HIS A 245 1.53 -5.38 -6.10
N ILE A 246 2.53 -6.11 -5.61
CA ILE A 246 3.82 -5.46 -5.36
C ILE A 246 4.32 -4.85 -6.65
N GLY A 247 4.22 -5.59 -7.76
CA GLY A 247 4.66 -5.09 -9.06
C GLY A 247 3.93 -3.83 -9.46
N ALA A 248 2.62 -3.77 -9.15
CA ALA A 248 1.84 -2.57 -9.46
C ALA A 248 2.35 -1.37 -8.68
N ILE A 249 2.70 -1.56 -7.41
CA ILE A 249 3.17 -0.42 -6.62
C ILE A 249 4.59 -0.03 -7.05
N ARG A 250 5.37 -1.01 -7.50
CA ARG A 250 6.67 -0.71 -8.08
C ARG A 250 6.51 0.17 -9.31
N LEU A 251 5.53 -0.16 -10.18
CA LEU A 251 5.29 0.67 -11.35
C LEU A 251 4.76 2.03 -10.96
N ALA A 252 3.97 2.11 -9.89
CA ALA A 252 3.49 3.41 -9.42
C ALA A 252 4.66 4.29 -9.03
N PHE A 253 5.65 3.72 -8.33
CA PHE A 253 6.85 4.47 -7.99
C PHE A 253 7.53 4.99 -9.26
N ILE A 254 7.71 4.10 -10.26
CA ILE A 254 8.44 4.54 -11.44
C ILE A 254 7.66 5.63 -12.20
N MET A 255 6.34 5.47 -12.33
CA MET A 255 5.53 6.48 -13.00
C MET A 255 5.54 7.82 -12.25
N MET A 256 5.48 7.77 -10.92
CA MET A 256 5.50 9.00 -10.13
CA MET A 256 5.49 9.01 -10.15
C MET A 256 6.84 9.72 -10.27
N TYR A 257 7.94 8.98 -10.18
CA TYR A 257 9.27 9.49 -10.47
C TYR A 257 9.33 10.10 -11.86
N ALA A 258 8.85 9.36 -12.86
CA ALA A 258 8.96 9.81 -14.25
C ALA A 258 8.20 11.11 -14.48
N GLY A 259 7.02 11.23 -13.89
CA GLY A 259 6.25 12.47 -13.97
C GLY A 259 4.78 12.32 -14.29
N VAL A 260 4.23 11.11 -14.19
CA VAL A 260 2.77 10.99 -14.22
C VAL A 260 2.22 11.70 -12.99
N GLU A 261 1.46 12.77 -13.22
CA GLU A 261 1.05 13.65 -12.13
C GLU A 261 0.01 13.02 -11.22
N ASP A 262 -0.86 12.17 -11.76
CA ASP A 262 -1.96 11.58 -10.98
C ASP A 262 -1.90 10.06 -11.12
N VAL A 263 -1.23 9.38 -10.17
CA VAL A 263 -1.12 7.93 -10.12
C VAL A 263 -1.91 7.44 -8.93
N ARG A 264 -2.77 6.45 -9.15
CA ARG A 264 -3.54 5.80 -8.11
C ARG A 264 -3.15 4.32 -8.06
N VAL A 265 -3.30 3.74 -6.87
CA VAL A 265 -3.15 2.30 -6.67
C VAL A 265 -4.46 1.78 -6.09
N LEU A 266 -5.05 0.77 -6.74
CA LEU A 266 -6.23 0.11 -6.20
C LEU A 266 -5.86 -0.66 -4.93
N ASN A 267 -6.47 -0.26 -3.80
CA ASN A 267 -6.08 -0.82 -2.51
C ASN A 267 -6.47 -2.29 -2.44
N GLY A 268 -5.48 -3.15 -2.28
CA GLY A 268 -5.70 -4.58 -2.24
C GLY A 268 -5.68 -5.24 -3.59
N GLY A 269 -5.47 -4.47 -4.66
CA GLY A 269 -5.28 -5.07 -5.97
C GLY A 269 -6.54 -5.75 -6.49
N TYR A 270 -6.31 -6.75 -7.35
CA TYR A 270 -7.41 -7.40 -8.04
C TYR A 270 -8.41 -8.02 -7.06
N GLN A 271 -7.93 -8.52 -5.93
CA GLN A 271 -8.87 -9.13 -4.99
C GLN A 271 -9.93 -8.14 -4.51
N SER A 272 -9.58 -6.86 -4.35
CA SER A 272 -10.59 -5.90 -3.92
C SER A 272 -11.66 -5.69 -4.99
N TRP A 273 -11.27 -5.80 -6.26
CA TRP A 273 -12.22 -5.67 -7.36
C TRP A 273 -13.22 -6.82 -7.36
N THR A 274 -12.73 -8.05 -7.24
CA THR A 274 -13.65 -9.18 -7.28
C THR A 274 -14.47 -9.27 -6.00
N ASP A 275 -13.86 -8.93 -4.85
CA ASP A 275 -14.60 -8.92 -3.57
C ASP A 275 -15.76 -7.92 -3.61
N ALA A 276 -15.60 -6.82 -4.37
CA ALA A 276 -16.66 -5.81 -4.48
C ALA A 276 -17.78 -6.25 -5.41
N GLY A 277 -17.64 -7.41 -6.04
CA GLY A 277 -18.68 -8.01 -6.86
C GLY A 277 -18.72 -7.56 -8.28
N PHE A 278 -17.70 -6.84 -8.75
CA PHE A 278 -17.75 -6.25 -10.06
C PHE A 278 -17.39 -7.29 -11.13
N ALA A 279 -17.70 -6.96 -12.39
CA ALA A 279 -17.52 -7.91 -13.48
C ALA A 279 -16.03 -8.13 -13.77
N ILE A 280 -15.71 -9.33 -14.24
CA ILE A 280 -14.36 -9.78 -14.59
C ILE A 280 -14.31 -9.94 -16.11
N SER A 281 -13.23 -9.46 -16.75
CA SER A 281 -13.05 -9.66 -18.18
C SER A 281 -11.79 -10.47 -18.49
N LYS A 282 -11.83 -11.24 -19.59
CA LYS A 282 -10.66 -11.93 -20.10
C LYS A 282 -10.20 -11.40 -21.46
N ASP A 283 -10.80 -10.30 -21.94
CA ASP A 283 -10.46 -9.77 -23.26
C ASP A 283 -9.04 -9.23 -23.30
N ASP A 284 -8.34 -9.44 -24.42
CA ASP A 284 -6.99 -8.89 -24.57
C ASP A 284 -7.14 -7.50 -25.15
N VAL A 285 -7.21 -6.48 -24.29
CA VAL A 285 -7.54 -5.14 -24.75
C VAL A 285 -6.34 -4.57 -25.51
N PRO A 286 -6.51 -4.15 -26.75
CA PRO A 286 -5.39 -3.58 -27.50
C PRO A 286 -5.01 -2.24 -26.93
N LYS A 287 -3.71 -1.96 -26.93
CA LYS A 287 -3.21 -0.74 -26.33
C LYS A 287 -3.45 0.43 -27.28
N THR A 288 -3.75 1.59 -26.70
CA THR A 288 -3.76 2.86 -27.41
C THR A 288 -2.41 3.53 -27.26
N THR A 289 -1.98 4.18 -28.34
CA THR A 289 -0.69 4.86 -28.42
C THR A 289 -0.96 6.36 -28.27
N VAL A 290 -0.17 7.04 -27.45
CA VAL A 290 -0.26 8.50 -27.44
C VAL A 290 1.00 9.05 -28.08
N PRO A 291 0.91 10.17 -28.78
CA PRO A 291 2.08 10.72 -29.46
C PRO A 291 3.13 11.30 -28.52
N GLU A 292 2.73 11.94 -27.42
CA GLU A 292 3.66 12.65 -26.54
C GLU A 292 3.34 12.38 -25.10
N PHE A 293 4.37 11.96 -24.34
CA PHE A 293 4.22 11.87 -22.90
C PHE A 293 3.87 13.24 -22.30
N GLY A 294 4.53 14.31 -22.74
CA GLY A 294 4.08 15.63 -22.34
C GLY A 294 4.75 16.25 -21.13
N ALA A 295 5.82 15.67 -20.62
CA ALA A 295 6.55 16.24 -19.50
C ALA A 295 7.98 15.75 -19.55
N PRO A 296 8.92 16.48 -18.96
CA PRO A 296 10.29 15.98 -18.84
C PRO A 296 10.34 14.79 -17.93
N ILE A 297 11.16 13.82 -18.31
CA ILE A 297 11.38 12.62 -17.48
C ILE A 297 12.83 12.64 -17.00
N PRO A 298 13.08 12.57 -15.70
CA PRO A 298 12.05 12.49 -14.65
C PRO A 298 11.63 13.84 -14.11
N SER A 299 10.35 13.98 -13.83
CA SER A 299 9.87 15.21 -13.21
C SER A 299 9.93 15.20 -11.70
N ARG A 300 10.06 14.03 -11.08
CA ARG A 300 10.23 13.93 -9.63
C ARG A 300 11.48 13.10 -9.30
N PRO A 301 12.66 13.57 -9.72
CA PRO A 301 13.89 12.80 -9.47
C PRO A 301 14.14 12.52 -7.98
N GLU A 302 13.65 13.39 -7.10
CA GLU A 302 13.90 13.23 -5.68
C GLU A 302 13.29 11.95 -5.13
N PHE A 303 12.32 11.36 -5.83
CA PHE A 303 11.80 10.07 -5.37
C PHE A 303 12.80 8.92 -5.53
N ALA A 304 13.80 9.04 -6.39
CA ALA A 304 14.77 7.96 -6.58
C ALA A 304 16.13 8.35 -6.04
N VAL A 305 16.74 7.41 -5.33
CA VAL A 305 18.11 7.52 -4.83
C VAL A 305 18.93 6.44 -5.51
N ASP A 306 20.10 6.82 -6.03
CA ASP A 306 21.03 5.84 -6.57
C ASP A 306 22.19 5.64 -5.59
N ILE A 307 23.16 4.80 -5.97
CA ILE A 307 24.01 4.22 -4.95
C ILE A 307 24.98 5.23 -4.35
N ASP A 308 25.45 6.23 -5.12
CA ASP A 308 26.36 7.21 -4.54
C ASP A 308 25.67 8.00 -3.45
N GLU A 309 24.44 8.43 -3.71
CA GLU A 309 23.67 9.15 -2.71
C GLU A 309 23.30 8.24 -1.54
N ALA A 310 23.00 6.96 -1.83
CA ALA A 310 22.71 6.04 -0.73
C ALA A 310 23.90 5.92 0.22
N LYS A 311 25.11 5.90 -0.30
CA LYS A 311 26.28 5.84 0.58
C LYS A 311 26.39 7.10 1.44
N GLU A 312 26.09 8.27 0.85
CA GLU A 312 26.06 9.50 1.65
C GLU A 312 25.02 9.42 2.75
N MET A 313 23.86 8.83 2.45
CA MET A 313 22.79 8.78 3.44
C MET A 313 23.14 7.91 4.64
N LEU A 314 23.99 6.90 4.44
CA LEU A 314 24.44 6.06 5.53
C LEU A 314 25.35 6.82 6.50
N GLN A 315 25.79 8.01 6.12
CA GLN A 315 26.77 8.76 6.90
C GLN A 315 26.16 9.99 7.57
N SER A 316 24.84 10.12 7.59
CA SER A 316 24.22 11.33 8.09
C SER A 316 23.20 11.02 9.18
N GLU A 317 23.15 11.87 10.21
CA GLU A 317 22.10 11.75 11.21
C GLU A 317 20.74 12.16 10.67
N ASP A 318 20.72 12.81 9.52
CA ASP A 318 19.52 13.33 8.87
C ASP A 318 18.84 12.31 7.98
N SER A 319 19.49 11.18 7.68
CA SER A 319 19.01 10.28 6.65
CA SER A 319 19.05 10.28 6.63
C SER A 319 19.29 8.84 7.04
N ASP A 320 18.59 7.91 6.38
CA ASP A 320 18.83 6.49 6.62
C ASP A 320 18.38 5.68 5.42
N LEU A 321 19.01 4.52 5.22
CA LEU A 321 18.50 3.53 4.28
C LEU A 321 17.62 2.57 5.06
N VAL A 322 16.50 2.18 4.47
CA VAL A 322 15.56 1.30 5.15
C VAL A 322 15.48 -0.01 4.38
N CYS A 323 15.89 -1.10 5.04
CA CYS A 323 16.05 -2.42 4.40
C CYS A 323 14.73 -3.18 4.55
N VAL A 324 13.95 -3.24 3.48
CA VAL A 324 12.66 -3.91 3.50
C VAL A 324 12.83 -5.31 2.96
N ARG A 325 13.53 -6.17 3.70
CA ARG A 325 13.85 -7.51 3.25
C ARG A 325 13.33 -8.51 4.28
N SER A 326 13.49 -9.79 3.96
CA SER A 326 13.11 -10.83 4.92
C SER A 326 14.28 -11.14 5.85
N TYR A 327 13.97 -11.84 6.94
CA TYR A 327 15.00 -12.10 7.95
C TYR A 327 16.09 -13.00 7.39
N PRO A 328 15.77 -14.10 6.69
CA PRO A 328 16.85 -14.92 6.09
C PRO A 328 17.74 -14.15 5.13
N GLU A 329 17.19 -13.18 4.40
CA GLU A 329 18.03 -12.30 3.60
C GLU A 329 18.93 -11.46 4.49
N TYR A 330 18.33 -10.85 5.51
CA TYR A 330 19.04 -9.88 6.33
C TYR A 330 20.26 -10.50 7.03
N ILE A 331 20.14 -11.75 7.47
CA ILE A 331 21.28 -12.39 8.16
C ILE A 331 22.16 -13.12 7.16
N GLY A 332 21.88 -12.98 5.88
CA GLY A 332 22.76 -13.58 4.90
C GLY A 332 22.68 -15.09 4.75
N GLU A 333 21.60 -15.72 5.22
CA GLU A 333 21.39 -17.13 4.94
C GLU A 333 21.19 -17.37 3.44
N VAL A 334 20.43 -16.49 2.77
CA VAL A 334 20.11 -16.61 1.35
C VAL A 334 20.17 -15.22 0.74
N SER A 335 20.29 -15.18 -0.58
CA SER A 335 20.19 -13.89 -1.28
C SER A 335 18.76 -13.39 -1.34
N GLY A 336 17.79 -14.30 -1.27
CA GLY A 336 16.39 -14.03 -1.44
C GLY A 336 15.88 -14.29 -2.84
N TYR A 337 16.76 -14.45 -3.82
CA TYR A 337 16.36 -14.47 -5.21
C TYR A 337 17.17 -15.50 -6.00
N ASN A 338 16.51 -16.16 -6.96
CA ASN A 338 17.26 -17.06 -7.83
C ASN A 338 18.02 -16.30 -8.91
N TYR A 339 18.00 -14.97 -8.92
CA TYR A 339 18.83 -14.20 -9.85
C TYR A 339 19.77 -13.23 -9.14
N ILE A 340 19.94 -13.36 -7.84
CA ILE A 340 20.93 -12.57 -7.09
C ILE A 340 21.88 -13.57 -6.44
N ALA A 341 23.18 -13.45 -6.74
CA ALA A 341 24.14 -14.41 -6.21
C ALA A 341 24.44 -14.19 -4.73
N ALA A 342 24.82 -12.97 -4.35
CA ALA A 342 25.40 -12.73 -3.02
C ALA A 342 24.33 -12.73 -1.93
N ALA A 343 24.69 -13.24 -0.75
CA ALA A 343 23.85 -13.16 0.44
C ALA A 343 24.54 -12.26 1.47
N GLY A 344 23.79 -11.33 2.02
CA GLY A 344 24.34 -10.41 2.99
C GLY A 344 23.47 -9.18 3.06
N ARG A 345 23.96 -8.17 3.78
CA ARG A 345 23.20 -6.94 3.99
C ARG A 345 24.12 -5.73 3.91
N ILE A 346 23.51 -4.59 3.61
CA ILE A 346 24.19 -3.30 3.56
C ILE A 346 24.49 -2.82 4.97
N PRO A 347 25.75 -2.57 5.33
CA PRO A 347 26.04 -2.11 6.71
C PRO A 347 25.43 -0.76 6.96
N GLY A 348 24.75 -0.64 8.11
CA GLY A 348 24.21 0.64 8.54
C GLY A 348 22.76 0.89 8.17
N ALA A 349 22.13 0.03 7.37
CA ALA A 349 20.72 0.22 7.07
C ALA A 349 19.85 -0.13 8.27
N ILE A 350 18.64 0.44 8.32
CA ILE A 350 17.68 0.06 9.35
C ILE A 350 16.80 -1.06 8.82
N PHE A 351 16.71 -2.17 9.56
CA PHE A 351 15.90 -3.31 9.15
C PHE A 351 14.42 -3.04 9.35
N ALA A 352 13.62 -3.23 8.30
CA ALA A 352 12.17 -3.11 8.38
C ALA A 352 11.59 -4.36 7.74
N GLU A 353 11.54 -5.44 8.50
CA GLU A 353 11.23 -6.78 7.96
C GLU A 353 9.95 -6.78 7.11
N CYS A 354 10.08 -7.26 5.87
CA CYS A 354 8.96 -7.17 4.92
C CYS A 354 7.86 -8.15 5.28
N GLY A 355 8.23 -9.33 5.74
CA GLY A 355 7.37 -10.48 5.70
C GLY A 355 8.22 -11.71 5.42
N SER A 356 7.66 -12.73 4.76
CA SER A 356 8.27 -14.05 4.81
C SER A 356 9.41 -14.26 3.80
N ASP A 357 9.41 -13.56 2.67
CA ASP A 357 10.44 -13.80 1.66
C ASP A 357 10.47 -12.59 0.72
N ALA A 358 11.17 -12.73 -0.40
CA ALA A 358 11.39 -11.60 -1.29
C ALA A 358 10.14 -11.22 -2.07
N TYR A 359 9.06 -12.01 -1.97
CA TYR A 359 7.88 -11.77 -2.79
C TYR A 359 6.62 -11.58 -1.96
N HIS A 360 6.75 -11.34 -0.66
CA HIS A 360 5.60 -11.17 0.22
C HIS A 360 5.83 -9.96 1.12
N MET A 361 4.73 -9.28 1.41
CA MET A 361 4.73 -8.05 2.22
C MET A 361 3.75 -8.17 3.38
N GLU A 362 3.71 -9.32 4.05
CA GLU A 362 2.72 -9.56 5.10
C GLU A 362 2.75 -8.50 6.19
N ASN A 363 3.95 -8.02 6.56
CA ASN A 363 4.01 -7.06 7.66
C ASN A 363 3.50 -5.69 7.27
N TYR A 364 3.21 -5.45 6.00
CA TYR A 364 2.70 -4.19 5.50
C TYR A 364 1.29 -4.28 4.95
N ARG A 365 0.64 -5.43 5.09
CA ARG A 365 -0.64 -5.68 4.45
C ARG A 365 -1.58 -6.39 5.39
N ASN A 366 -2.86 -6.21 5.12
CA ASN A 366 -3.87 -7.09 5.70
C ASN A 366 -3.94 -8.40 4.91
N HIS A 367 -4.68 -9.35 5.46
CA HIS A 367 -4.82 -10.65 4.78
C HIS A 367 -5.52 -10.55 3.43
N ASP A 368 -6.28 -9.48 3.18
CA ASP A 368 -6.94 -9.24 1.90
C ASP A 368 -6.09 -8.39 0.97
N HIS A 369 -4.82 -8.17 1.31
CA HIS A 369 -3.80 -7.44 0.53
C HIS A 369 -3.97 -5.93 0.57
N THR A 370 -4.98 -5.38 1.25
CA THR A 370 -5.02 -3.94 1.44
C THR A 370 -3.87 -3.53 2.37
N THR A 371 -3.49 -2.24 2.31
CA THR A 371 -2.39 -1.79 3.16
C THR A 371 -2.77 -1.93 4.64
N ARG A 372 -1.77 -2.26 5.45
CA ARG A 372 -2.00 -2.41 6.89
C ARG A 372 -2.38 -1.07 7.51
N GLU A 373 -3.25 -1.12 8.53
CA GLU A 373 -3.68 0.09 9.22
C GLU A 373 -2.47 1.00 9.43
N TYR A 374 -2.54 2.22 8.89
CA TYR A 374 -1.30 2.99 8.76
C TYR A 374 -0.68 3.34 10.11
N HIS A 375 -1.49 3.49 11.17
CA HIS A 375 -0.90 3.81 12.47
C HIS A 375 -0.01 2.67 12.96
N GLU A 376 -0.38 1.43 12.62
CA GLU A 376 0.46 0.29 13.01
C GLU A 376 1.81 0.35 12.31
N ILE A 377 1.79 0.63 11.01
CA ILE A 377 3.04 0.77 10.25
C ILE A 377 3.91 1.85 10.87
N GLU A 378 3.29 3.01 11.15
CA GLU A 378 4.02 4.14 11.72
C GLU A 378 4.64 3.78 13.06
N ASP A 379 3.88 3.06 13.92
CA ASP A 379 4.38 2.72 15.25
C ASP A 379 5.54 1.73 15.17
N ILE A 380 5.43 0.71 14.33
CA ILE A 380 6.53 -0.24 14.21
C ILE A 380 7.77 0.46 13.67
N TRP A 381 7.57 1.29 12.64
CA TRP A 381 8.69 2.05 12.10
C TRP A 381 9.35 2.92 13.17
N ALA A 382 8.53 3.58 14.00
CA ALA A 382 9.10 4.51 14.97
C ALA A 382 10.02 3.79 15.94
N LYS A 383 9.67 2.55 16.30
CA LYS A 383 10.50 1.79 17.24
C LYS A 383 11.90 1.57 16.71
N SER A 384 12.10 1.62 15.40
CA SER A 384 13.41 1.46 14.78
C SER A 384 14.01 2.78 14.31
N GLY A 385 13.41 3.91 14.67
CA GLY A 385 13.91 5.20 14.21
C GLY A 385 13.61 5.51 12.77
N ILE A 386 12.67 4.81 12.16
CA ILE A 386 12.17 5.14 10.84
C ILE A 386 11.04 6.13 11.07
N ILE A 387 11.33 7.42 10.82
CA ILE A 387 10.49 8.56 11.25
C ILE A 387 10.56 9.66 10.19
N PRO A 388 9.48 10.46 10.10
CA PRO A 388 9.37 11.42 8.99
C PRO A 388 10.36 12.58 9.05
N LYS A 389 11.01 12.82 10.18
CA LYS A 389 12.00 13.89 10.16
C LYS A 389 13.27 13.49 9.43
N LYS A 390 13.43 12.23 9.03
CA LYS A 390 14.59 11.81 8.26
C LYS A 390 14.29 11.76 6.76
N HIS A 391 15.33 11.96 5.95
CA HIS A 391 15.26 11.56 4.56
C HIS A 391 15.54 10.06 4.49
N LEU A 392 14.54 9.28 4.10
CA LEU A 392 14.61 7.83 4.11
C LEU A 392 14.62 7.32 2.68
N ALA A 393 15.50 6.36 2.40
CA ALA A 393 15.49 5.68 1.11
C ALA A 393 15.20 4.20 1.38
N PHE A 394 14.01 3.76 0.97
CA PHE A 394 13.60 2.38 1.18
C PHE A 394 14.17 1.52 0.06
N TYR A 395 14.60 0.31 0.40
CA TYR A 395 15.17 -0.55 -0.65
C TYR A 395 14.98 -2.04 -0.30
N CSS A 396 15.31 -2.91 -1.24
CA CSS A 396 15.24 -4.32 -0.96
CB CSS A 396 13.86 -4.92 -1.12
SG CSS A 396 13.02 -4.52 -2.65
SD CSS A 396 11.94 -6.26 -3.12
C CSS A 396 16.25 -4.97 -1.90
O CSS A 396 17.34 -4.47 -2.12
N GLY A 397 15.87 -6.09 -2.48
CA GLY A 397 16.75 -6.76 -3.44
C GLY A 397 16.94 -5.91 -4.68
N THR A 398 15.83 -5.52 -5.32
CA THR A 398 15.93 -4.71 -6.52
C THR A 398 14.94 -3.57 -6.55
N GLY A 399 14.12 -3.40 -5.52
CA GLY A 399 13.29 -2.21 -5.45
C GLY A 399 11.79 -2.47 -5.38
N TRP A 400 11.32 -3.71 -5.52
CA TRP A 400 9.88 -3.97 -5.47
C TRP A 400 9.33 -3.74 -4.06
N ARG A 401 9.80 -4.49 -3.06
CA ARG A 401 9.23 -4.32 -1.72
C ARG A 401 9.53 -2.93 -1.20
N GLY A 402 10.72 -2.41 -1.55
CA GLY A 402 11.10 -1.05 -1.18
C GLY A 402 10.08 -0.03 -1.67
N SER A 403 9.60 -0.21 -2.90
CA SER A 403 8.60 0.71 -3.45
C SER A 403 7.28 0.65 -2.68
N GLU A 404 6.87 -0.54 -2.23
CA GLU A 404 5.62 -0.61 -1.49
C GLU A 404 5.78 0.02 -0.11
N ALA A 405 6.94 -0.18 0.53
CA ALA A 405 7.16 0.50 1.81
C ALA A 405 7.18 2.02 1.59
N TRP A 406 7.87 2.47 0.55
CA TRP A 406 7.93 3.88 0.23
C TRP A 406 6.54 4.45 0.01
N PHE A 407 5.71 3.72 -0.75
CA PHE A 407 4.37 4.21 -1.05
C PHE A 407 3.57 4.39 0.23
N ASN A 408 3.66 3.42 1.14
CA ASN A 408 3.01 3.59 2.44
C ASN A 408 3.44 4.86 3.15
N ALA A 409 4.75 5.18 3.13
CA ALA A 409 5.22 6.40 3.79
C ALA A 409 4.73 7.64 3.05
N LEU A 410 4.76 7.60 1.72
CA LEU A 410 4.20 8.69 0.93
C LEU A 410 2.74 8.94 1.29
N LEU A 411 1.97 7.87 1.47
CA LEU A 411 0.55 8.00 1.77
C LEU A 411 0.35 8.71 3.10
N MET A 412 1.29 8.54 4.04
CA MET A 412 1.23 9.18 5.34
CA MET A 412 1.20 9.20 5.33
C MET A 412 1.64 10.64 5.29
N GLY A 413 2.01 11.15 4.12
CA GLY A 413 2.48 12.51 3.98
C GLY A 413 3.91 12.74 4.42
N TRP A 414 4.71 11.69 4.54
CA TRP A 414 6.11 11.93 4.91
C TRP A 414 6.82 12.70 3.81
N PRO A 415 7.56 13.78 4.14
CA PRO A 415 7.98 14.73 3.11
C PRO A 415 9.28 14.39 2.39
N ARG A 416 10.11 13.50 2.94
CA ARG A 416 11.41 13.20 2.36
C ARG A 416 11.59 11.68 2.31
N VAL A 417 10.85 11.00 1.45
CA VAL A 417 10.96 9.55 1.27
C VAL A 417 11.27 9.24 -0.19
N SER A 418 12.15 8.26 -0.36
CA SER A 418 12.68 7.86 -1.65
C SER A 418 12.79 6.34 -1.67
N VAL A 419 13.05 5.81 -2.86
CA VAL A 419 13.46 4.42 -3.06
C VAL A 419 14.92 4.44 -3.48
N TYR A 420 15.77 3.73 -2.74
CA TYR A 420 17.13 3.47 -3.26
C TYR A 420 16.98 2.30 -4.23
N ASP A 421 16.94 2.63 -5.50
CA ASP A 421 16.51 1.69 -6.54
C ASP A 421 17.44 0.49 -6.59
N GLY A 422 18.76 0.73 -6.57
CA GLY A 422 19.70 -0.35 -6.81
C GLY A 422 19.60 -1.48 -5.81
N GLY A 423 19.36 -1.15 -4.54
CA GLY A 423 19.19 -2.14 -3.52
C GLY A 423 20.41 -3.03 -3.34
N TRP A 424 20.12 -4.21 -2.79
CA TRP A 424 21.16 -5.19 -2.53
C TRP A 424 21.76 -5.72 -3.82
N PHE A 425 20.96 -5.84 -4.89
CA PHE A 425 21.52 -6.25 -6.18
C PHE A 425 22.66 -5.33 -6.61
N GLU A 426 22.38 -4.03 -6.71
CA GLU A 426 23.43 -3.13 -7.19
C GLU A 426 24.57 -3.06 -6.18
N TRP A 427 24.24 -3.04 -4.89
CA TRP A 427 25.29 -2.95 -3.88
C TRP A 427 26.28 -4.12 -4.01
N SER A 428 25.76 -5.35 -4.02
CA SER A 428 26.61 -6.54 -3.99
C SER A 428 27.26 -6.83 -5.33
N ASN A 429 26.75 -6.25 -6.42
CA ASN A 429 27.37 -6.40 -7.75
C ASN A 429 28.70 -5.67 -7.88
N ASP A 430 29.03 -4.78 -6.95
CA ASP A 430 30.33 -4.14 -6.85
C ASP A 430 31.12 -4.81 -5.73
N PRO A 431 32.16 -5.57 -6.04
CA PRO A 431 32.86 -6.30 -4.99
C PRO A 431 33.58 -5.42 -4.00
N GLU A 432 33.78 -4.13 -4.31
CA GLU A 432 34.41 -3.22 -3.37
C GLU A 432 33.47 -2.79 -2.26
N ASN A 433 32.17 -2.97 -2.42
CA ASN A 433 31.24 -2.51 -1.39
C ASN A 433 31.28 -3.43 -0.18
N PRO A 434 31.38 -2.89 1.03
CA PRO A 434 31.38 -3.73 2.23
C PRO A 434 29.99 -4.29 2.52
N TYR A 435 29.96 -5.42 3.22
CA TYR A 435 28.68 -6.01 3.60
C TYR A 435 28.81 -6.72 4.93
N GLU A 436 27.66 -7.04 5.54
CA GLU A 436 27.59 -7.81 6.78
C GLU A 436 26.81 -9.10 6.57
N THR A 437 27.03 -10.04 7.47
CA THR A 437 26.31 -11.29 7.47
C THR A 437 26.16 -11.74 8.91
N GLY A 438 25.23 -12.67 9.14
CA GLY A 438 25.01 -13.23 10.45
C GLY A 438 24.00 -12.45 11.27
N VAL A 439 23.65 -13.04 12.41
CA VAL A 439 22.79 -12.35 13.37
C VAL A 439 23.52 -11.13 13.91
N PRO A 440 22.89 -9.95 13.98
CA PRO A 440 23.58 -8.75 14.49
C PRO A 440 23.96 -8.84 15.98
MG MG B . 16.50 -1.56 -8.62
MG MG C . -1.81 1.61 -30.49
MG MG D . -16.23 16.59 -8.73
MG MG E . 11.09 -10.73 -9.68
CL CL F . 1.22 -9.06 -4.67
CL CL G . 20.43 -5.30 2.86
CL CL H . -17.30 1.65 3.62
CL CL I . -21.39 14.54 7.27
C1 EDO J . -27.33 9.73 21.83
O1 EDO J . -27.46 8.31 22.02
C2 EDO J . -25.94 10.07 21.31
O2 EDO J . -25.53 11.38 21.75
C1 PEG K . 9.45 13.13 -1.01
O1 PEG K . 8.63 12.34 -0.12
C2 PEG K . 10.85 12.57 -1.20
O2 PEG K . 11.73 13.48 -1.86
C3 PEG K . 12.45 14.34 -0.96
C4 PEG K . 13.82 13.79 -0.74
O4 PEG K . 14.67 14.70 -0.02
C1 GOL L . 1.83 -23.66 -7.72
O1 GOL L . 1.94 -24.21 -6.39
C2 GOL L . 3.21 -23.52 -8.35
O2 GOL L . 3.53 -22.18 -8.71
C3 GOL L . 4.16 -24.09 -7.32
O3 GOL L . 5.35 -24.47 -8.01
#